data_1LV4
#
_entry.id   1LV4
#
_entity_poly.entity_id   1
_entity_poly.type   'polypeptide(L)'
_entity_poly.pdbx_seq_one_letter_code
;SSMKLSFRARAYGFRGPGPQL
;
_entity_poly.pdbx_strand_id   A
#
# COMPACT_ATOMS: atom_id res chain seq x y z
N SER A 1 -5.33 5.98 -6.42
CA SER A 1 -4.36 5.17 -5.64
C SER A 1 -4.46 3.70 -6.09
N SER A 2 -3.33 3.15 -6.61
CA SER A 2 -3.23 1.74 -7.09
C SER A 2 -1.74 1.33 -7.19
N MET A 3 -1.38 0.22 -6.51
CA MET A 3 -0.21 -0.68 -6.83
C MET A 3 1.14 -0.11 -7.41
N LYS A 4 1.57 1.02 -6.81
CA LYS A 4 2.89 1.68 -7.14
C LYS A 4 4.09 1.02 -6.36
N LEU A 5 3.94 0.74 -5.03
CA LEU A 5 4.96 0.10 -4.12
C LEU A 5 6.23 0.98 -3.88
N SER A 6 5.96 2.17 -3.32
CA SER A 6 6.87 2.89 -2.39
C SER A 6 5.96 3.84 -1.54
N PHE A 7 5.32 3.26 -0.49
CA PHE A 7 4.21 3.91 0.28
C PHE A 7 4.27 3.47 1.77
N ARG A 8 3.33 4.01 2.59
CA ARG A 8 3.18 3.74 4.03
C ARG A 8 2.61 2.30 4.27
N ALA A 9 1.52 1.70 3.71
CA ALA A 9 0.40 2.36 2.98
C ALA A 9 -0.73 2.75 3.99
N ARG A 10 -1.95 2.91 3.48
CA ARG A 10 -2.94 3.92 3.96
C ARG A 10 -4.31 3.32 4.36
N ALA A 11 -4.84 2.38 3.52
CA ALA A 11 -6.28 2.02 3.46
C ALA A 11 -6.62 0.51 3.24
N TYR A 12 -5.69 -0.31 2.72
CA TYR A 12 -5.98 -1.61 2.05
C TYR A 12 -6.13 -2.79 3.06
N GLY A 13 -5.20 -2.98 4.03
CA GLY A 13 -5.25 -4.15 4.95
C GLY A 13 -3.99 -4.48 5.78
N PHE A 14 -2.86 -4.57 5.08
CA PHE A 14 -1.67 -5.40 5.45
C PHE A 14 -0.40 -4.59 5.02
N ARG A 15 -0.08 -3.54 5.80
CA ARG A 15 0.26 -2.22 5.20
C ARG A 15 1.73 -1.88 5.51
N GLY A 16 2.50 -1.65 4.43
CA GLY A 16 3.94 -1.35 4.48
C GLY A 16 4.81 -2.64 4.59
N PRO A 17 5.06 -3.56 3.57
CA PRO A 17 4.63 -3.47 2.14
C PRO A 17 3.10 -3.70 1.99
N GLY A 18 2.41 -2.71 1.39
CA GLY A 18 0.94 -2.59 1.45
C GLY A 18 0.32 -2.58 0.06
N PRO A 19 0.03 -3.70 -0.69
CA PRO A 19 -0.83 -3.65 -1.89
C PRO A 19 -2.31 -3.17 -1.63
N GLN A 20 -3.06 -2.34 -2.39
CA GLN A 20 -2.65 -1.66 -3.67
C GLN A 20 -2.22 -0.20 -3.42
N LEU A 21 -1.15 -0.07 -2.60
CA LEU A 21 -0.07 0.93 -2.79
C LEU A 21 1.24 0.24 -2.37
N SER A 1 2.58 -5.15 -7.35
CA SER A 1 2.39 -4.09 -6.35
C SER A 1 1.12 -3.28 -6.65
N SER A 2 0.31 -3.03 -5.59
CA SER A 2 -0.92 -2.23 -5.66
C SER A 2 -0.82 -1.26 -4.43
N MET A 3 -0.20 -0.05 -4.42
CA MET A 3 0.60 0.61 -5.51
C MET A 3 1.66 1.50 -4.81
N LYS A 4 2.89 1.45 -5.37
CA LYS A 4 4.08 2.16 -4.83
C LYS A 4 4.13 3.58 -5.45
N LEU A 5 3.49 4.52 -4.72
CA LEU A 5 3.40 5.97 -5.08
C LEU A 5 3.44 6.68 -3.69
N SER A 6 2.33 6.66 -2.91
CA SER A 6 2.36 6.13 -1.53
C SER A 6 2.02 4.59 -1.54
N PHE A 7 2.62 3.58 -0.82
CA PHE A 7 3.82 3.62 0.08
C PHE A 7 4.31 2.14 0.36
N ARG A 8 5.42 2.00 1.12
CA ARG A 8 5.72 0.87 2.08
C ARG A 8 4.62 -0.04 2.77
N ALA A 9 3.32 0.24 2.68
CA ALA A 9 2.65 1.19 3.61
C ALA A 9 2.23 0.56 4.98
N ARG A 10 1.06 0.99 5.49
CA ARG A 10 0.86 1.54 6.87
C ARG A 10 -0.69 1.66 7.14
N ALA A 11 -1.51 2.09 6.12
CA ALA A 11 -2.52 3.17 6.25
C ALA A 11 -3.87 3.00 5.46
N TYR A 12 -3.92 2.08 4.47
CA TYR A 12 -5.04 1.94 3.49
C TYR A 12 -5.41 0.43 3.33
N GLY A 13 -4.47 -0.44 2.87
CA GLY A 13 -4.58 -1.92 2.93
C GLY A 13 -3.33 -2.38 3.69
N PHE A 14 -3.55 -3.04 4.83
CA PHE A 14 -2.61 -2.95 6.01
C PHE A 14 -1.48 -4.01 5.94
N ARG A 15 -0.65 -3.89 4.88
CA ARG A 15 0.22 -5.00 4.36
C ARG A 15 1.48 -4.36 3.69
N GLY A 16 1.35 -3.65 2.52
CA GLY A 16 2.50 -3.10 1.75
C GLY A 16 3.16 -4.21 0.89
N PRO A 17 2.71 -4.70 -0.33
CA PRO A 17 1.67 -4.08 -1.20
C PRO A 17 0.20 -4.19 -0.65
N GLY A 18 -0.68 -3.28 -1.12
CA GLY A 18 -2.08 -3.16 -0.70
C GLY A 18 -3.02 -4.23 -1.37
N PRO A 19 -4.11 -3.99 -2.20
CA PRO A 19 -4.47 -2.69 -2.85
C PRO A 19 -4.86 -1.50 -1.92
N GLN A 20 -4.65 -0.18 -2.14
CA GLN A 20 -3.88 0.49 -3.25
C GLN A 20 -2.82 1.54 -2.76
N LEU A 21 -2.92 1.93 -1.46
CA LEU A 21 -1.94 2.75 -0.70
C LEU A 21 -1.70 4.16 -1.28
N SER A 1 -0.10 4.16 -9.06
CA SER A 1 -1.21 3.30 -8.62
C SER A 1 -0.68 1.89 -8.26
N SER A 2 -1.15 1.36 -7.09
CA SER A 2 -0.78 0.02 -6.51
C SER A 2 0.74 -0.28 -6.43
N MET A 3 1.31 -0.38 -5.19
CA MET A 3 2.70 -0.82 -4.86
C MET A 3 3.84 -0.18 -5.74
N LYS A 4 4.76 0.53 -5.05
CA LYS A 4 6.01 1.16 -5.60
C LYS A 4 5.67 2.36 -6.57
N LEU A 5 5.52 3.68 -6.22
CA LEU A 5 5.55 4.24 -4.84
C LEU A 5 4.62 5.47 -4.77
N SER A 6 3.45 5.26 -4.12
CA SER A 6 2.72 6.32 -3.36
C SER A 6 1.80 5.59 -2.29
N PHE A 7 2.15 4.72 -1.29
CA PHE A 7 3.52 4.28 -0.90
C PHE A 7 3.75 2.74 -1.03
N ARG A 8 5.02 2.30 -0.85
CA ARG A 8 5.42 0.88 -0.49
C ARG A 8 4.39 -0.15 0.09
N ALA A 9 3.57 0.30 1.07
CA ALA A 9 2.95 -0.50 2.13
C ALA A 9 3.49 -1.92 2.50
N ARG A 10 4.52 -1.90 3.35
CA ARG A 10 4.47 -2.45 4.75
C ARG A 10 3.84 -3.86 4.96
N ALA A 11 2.50 -3.99 4.81
CA ALA A 11 1.72 -4.91 5.64
C ALA A 11 1.13 -6.10 4.82
N TYR A 12 0.12 -6.19 3.92
CA TYR A 12 -0.88 -5.14 3.54
C TYR A 12 -2.09 -5.25 4.49
N GLY A 13 -2.62 -4.11 4.97
CA GLY A 13 -3.70 -4.13 5.98
C GLY A 13 -4.42 -2.77 6.22
N PHE A 14 -5.73 -2.58 5.94
CA PHE A 14 -6.23 -2.26 4.57
C PHE A 14 -6.88 -0.86 4.64
N ARG A 15 -6.03 0.15 4.32
CA ARG A 15 -6.13 1.59 4.77
C ARG A 15 -5.02 2.55 4.22
N GLY A 16 -3.81 2.02 3.89
CA GLY A 16 -2.56 2.77 3.71
C GLY A 16 -1.75 2.59 5.03
N PRO A 17 -1.08 1.44 5.43
CA PRO A 17 -0.76 0.24 4.59
C PRO A 17 -1.94 -0.56 3.96
N GLY A 18 -1.79 -0.95 2.68
CA GLY A 18 -2.77 -1.80 1.95
C GLY A 18 -4.08 -1.11 1.45
N PRO A 19 -4.92 -1.61 0.46
CA PRO A 19 -4.66 -2.78 -0.45
C PRO A 19 -3.59 -2.39 -1.48
N GLN A 20 -2.41 -3.07 -1.48
CA GLN A 20 -1.23 -2.72 -2.37
C GLN A 20 -0.47 -1.43 -1.95
N LEU A 21 -1.20 -0.34 -1.55
CA LEU A 21 -0.62 0.92 -1.01
C LEU A 21 -1.60 1.63 -0.07
N SER A 1 -5.44 2.55 -9.16
CA SER A 1 -5.33 1.31 -8.37
C SER A 1 -3.86 0.84 -8.29
N SER A 2 -3.40 0.47 -7.06
CA SER A 2 -2.01 0.03 -6.71
C SER A 2 -1.00 1.20 -6.88
N MET A 3 -0.81 1.99 -5.79
CA MET A 3 -0.24 3.37 -5.86
C MET A 3 0.59 3.72 -4.58
N LYS A 4 1.72 4.47 -4.54
CA LYS A 4 2.54 4.97 -5.70
C LYS A 4 3.36 3.80 -6.32
N LEU A 5 4.33 3.18 -5.58
CA LEU A 5 4.75 1.77 -5.79
C LEU A 5 4.88 1.09 -4.39
N SER A 6 5.82 1.54 -3.52
CA SER A 6 5.84 1.21 -2.08
C SER A 6 5.30 2.43 -1.32
N PHE A 7 4.21 2.21 -0.56
CA PHE A 7 3.51 3.29 0.20
C PHE A 7 3.95 3.12 1.66
N ARG A 8 3.11 2.51 2.53
CA ARG A 8 3.31 2.48 4.00
C ARG A 8 2.99 1.01 4.44
N ALA A 9 1.83 0.31 4.30
CA ALA A 9 0.50 0.78 3.80
C ALA A 9 -0.55 0.67 4.94
N ARG A 10 -1.51 1.61 4.91
CA ARG A 10 -2.18 2.16 6.13
C ARG A 10 -3.70 2.41 6.02
N ALA A 11 -4.21 2.65 4.80
CA ALA A 11 -5.65 2.76 4.48
C ALA A 11 -5.74 2.23 3.04
N TYR A 12 -6.36 1.03 2.86
CA TYR A 12 -6.23 0.16 1.65
C TYR A 12 -4.73 -0.09 1.20
N GLY A 13 -3.82 -0.89 1.83
CA GLY A 13 -4.06 -1.86 2.91
C GLY A 13 -3.50 -1.38 4.24
N PHE A 14 -2.84 -2.32 4.94
CA PHE A 14 -2.61 -2.29 6.42
C PHE A 14 -1.19 -2.87 6.83
N ARG A 15 -0.29 -3.02 5.83
CA ARG A 15 0.42 -4.30 5.57
C ARG A 15 1.91 -3.99 5.20
N GLY A 16 2.22 -3.22 4.12
CA GLY A 16 3.54 -2.61 3.89
C GLY A 16 4.52 -3.55 3.14
N PRO A 17 4.90 -3.45 1.81
CA PRO A 17 4.41 -2.46 0.79
C PRO A 17 3.06 -2.94 0.19
N GLY A 18 1.95 -2.59 0.89
CA GLY A 18 0.58 -3.04 0.50
C GLY A 18 0.28 -4.58 0.72
N PRO A 19 -0.62 -5.32 -0.02
CA PRO A 19 -1.51 -4.82 -1.10
C PRO A 19 -2.61 -3.78 -0.68
N GLN A 20 -3.20 -2.86 -1.48
CA GLN A 20 -2.85 -2.55 -2.92
C GLN A 20 -1.80 -1.41 -3.07
N LEU A 21 -1.79 -0.40 -2.15
CA LEU A 21 -0.90 0.79 -2.19
C LEU A 21 0.58 0.43 -1.94
N SER A 1 -2.89 2.20 -6.24
CA SER A 1 -3.17 1.00 -7.06
C SER A 1 -2.17 -0.19 -6.90
N SER A 2 -0.82 0.05 -6.85
CA SER A 2 0.23 -0.99 -6.74
C SER A 2 1.49 -0.35 -6.13
N MET A 3 2.13 -1.03 -5.14
CA MET A 3 3.29 -0.48 -4.37
C MET A 3 4.57 -0.17 -5.23
N LYS A 4 5.58 0.52 -4.64
CA LYS A 4 6.68 1.25 -5.37
C LYS A 4 6.19 2.49 -6.22
N LEU A 5 5.25 3.30 -5.66
CA LEU A 5 4.69 4.54 -6.28
C LEU A 5 4.30 5.45 -5.07
N SER A 6 3.16 5.17 -4.39
CA SER A 6 2.86 5.59 -2.99
C SER A 6 3.08 4.37 -2.04
N PHE A 7 3.26 4.65 -0.72
CA PHE A 7 3.70 3.64 0.29
C PHE A 7 3.03 3.90 1.71
N ARG A 8 2.99 3.05 2.78
CA ARG A 8 3.76 1.79 3.00
C ARG A 8 2.78 0.62 3.18
N ALA A 9 2.78 -0.22 2.13
CA ALA A 9 2.58 -1.68 2.25
C ALA A 9 3.29 -2.43 1.07
N ARG A 10 4.08 -3.54 1.08
CA ARG A 10 4.52 -4.47 2.19
C ARG A 10 3.58 -5.66 2.37
N ALA A 11 2.33 -5.42 2.87
CA ALA A 11 1.45 -6.47 3.44
C ALA A 11 -0.04 -6.40 2.99
N TYR A 12 -0.63 -5.18 2.84
CA TYR A 12 -1.88 -4.86 2.10
C TYR A 12 -3.13 -5.00 3.01
N GLY A 13 -3.46 -3.89 3.69
CA GLY A 13 -4.83 -3.60 4.22
C GLY A 13 -4.93 -2.99 5.62
N PHE A 14 -4.28 -1.83 5.88
CA PHE A 14 -4.04 -1.25 7.25
C PHE A 14 -3.57 0.23 7.13
N ARG A 15 -2.47 0.51 6.38
CA ARG A 15 -1.67 1.77 6.46
C ARG A 15 -0.99 1.97 5.08
N GLY A 16 -1.08 3.20 4.54
CA GLY A 16 -0.63 3.53 3.17
C GLY A 16 -1.49 4.69 2.57
N PRO A 17 -2.83 4.66 2.26
CA PRO A 17 -3.79 3.55 2.55
C PRO A 17 -3.67 2.37 1.54
N GLY A 18 -3.88 1.14 2.05
CA GLY A 18 -4.02 -0.08 1.22
C GLY A 18 -5.49 -0.66 1.16
N PRO A 19 -5.84 -1.96 0.77
CA PRO A 19 -4.90 -3.05 0.40
C PRO A 19 -4.39 -2.90 -1.06
N GLN A 20 -3.08 -2.62 -1.19
CA GLN A 20 -2.33 -2.33 -2.45
C GLN A 20 -0.95 -1.71 -2.05
N LEU A 21 -0.94 -0.66 -1.17
CA LEU A 21 0.28 0.11 -0.77
C LEU A 21 0.11 0.84 0.60
N SER A 1 -1.75 6.67 -5.66
CA SER A 1 -2.98 6.05 -5.12
C SER A 1 -3.26 4.73 -5.86
N SER A 2 -3.57 3.66 -5.08
CA SER A 2 -3.88 2.27 -5.56
C SER A 2 -2.74 1.63 -6.42
N MET A 3 -1.84 0.86 -5.75
CA MET A 3 -0.68 0.11 -6.32
C MET A 3 0.33 1.03 -7.06
N LYS A 4 1.61 0.90 -6.65
CA LYS A 4 2.80 1.54 -7.29
C LYS A 4 4.08 0.66 -6.98
N LEU A 5 4.63 0.24 -5.80
CA LEU A 5 4.06 0.40 -4.42
C LEU A 5 4.87 1.51 -3.71
N SER A 6 6.01 1.19 -3.05
CA SER A 6 6.85 2.09 -2.20
C SER A 6 6.18 3.36 -1.56
N PHE A 7 5.26 3.08 -0.61
CA PHE A 7 4.30 4.06 -0.05
C PHE A 7 4.54 4.05 1.49
N ARG A 8 3.49 3.73 2.27
CA ARG A 8 3.35 3.93 3.75
C ARG A 8 2.28 2.98 4.38
N ALA A 9 1.62 2.10 3.60
CA ALA A 9 0.16 2.09 3.47
C ALA A 9 -0.67 1.74 4.74
N ARG A 10 -1.93 2.20 4.71
CA ARG A 10 -2.54 3.08 5.75
C ARG A 10 -4.10 2.96 5.66
N ALA A 11 -4.70 3.27 4.48
CA ALA A 11 -6.12 3.02 4.13
C ALA A 11 -6.25 2.23 2.79
N TYR A 12 -5.61 1.03 2.73
CA TYR A 12 -5.38 0.25 1.48
C TYR A 12 -5.26 -1.29 1.78
N GLY A 13 -4.22 -1.76 2.53
CA GLY A 13 -3.79 -3.16 2.50
C GLY A 13 -2.49 -3.19 3.30
N PHE A 14 -2.57 -3.83 4.47
CA PHE A 14 -2.09 -3.22 5.73
C PHE A 14 -0.77 -3.94 6.09
N ARG A 15 0.50 -3.44 6.04
CA ARG A 15 0.92 -2.00 5.99
C ARG A 15 2.27 -1.92 5.23
N GLY A 16 2.17 -1.74 3.89
CA GLY A 16 3.31 -1.39 3.01
C GLY A 16 4.40 -2.50 2.85
N PRO A 17 4.41 -3.53 1.92
CA PRO A 17 3.42 -3.76 0.83
C PRO A 17 2.07 -4.36 1.34
N GLY A 18 0.99 -4.07 0.59
CA GLY A 18 -0.38 -4.54 0.91
C GLY A 18 -0.64 -5.92 0.24
N PRO A 19 -1.21 -6.12 -1.01
CA PRO A 19 -1.65 -5.05 -1.96
C PRO A 19 -2.90 -4.22 -1.49
N GLN A 20 -3.25 -2.99 -1.94
CA GLN A 20 -2.72 -2.29 -3.16
C GLN A 20 -1.29 -1.71 -2.93
N LEU A 21 -1.07 -0.92 -1.85
CA LEU A 21 0.17 -0.12 -1.64
C LEU A 21 0.96 -0.66 -0.45
N SER A 1 0.16 0.00 -11.31
CA SER A 1 0.14 0.64 -9.98
C SER A 1 -1.00 0.03 -9.15
N SER A 2 -0.66 -0.49 -7.94
CA SER A 2 -1.63 -0.98 -6.93
C SER A 2 -1.13 -0.49 -5.52
N MET A 3 -1.09 0.79 -5.05
CA MET A 3 -1.31 2.08 -5.79
C MET A 3 -0.45 3.17 -5.09
N LYS A 4 0.17 4.06 -5.92
CA LYS A 4 1.15 5.13 -5.53
C LYS A 4 2.45 4.44 -5.02
N LEU A 5 3.39 4.11 -5.93
CA LEU A 5 4.35 2.98 -5.75
C LEU A 5 5.46 3.36 -4.74
N SER A 6 5.73 2.43 -3.80
CA SER A 6 6.60 2.62 -2.59
C SER A 6 5.99 3.66 -1.62
N PHE A 7 5.12 3.18 -0.72
CA PHE A 7 4.16 4.01 0.04
C PHE A 7 4.62 4.01 1.51
N ARG A 8 4.17 3.03 2.34
CA ARG A 8 4.50 2.93 3.78
C ARG A 8 4.33 1.42 4.19
N ALA A 9 3.23 0.61 4.09
CA ALA A 9 1.89 0.93 3.52
C ALA A 9 0.75 0.55 4.50
N ARG A 10 -0.29 1.40 4.48
CA ARG A 10 -1.01 1.87 5.72
C ARG A 10 -2.49 2.33 5.49
N ALA A 11 -2.77 2.95 4.32
CA ALA A 11 -4.05 3.64 4.02
C ALA A 11 -5.26 2.73 3.61
N TYR A 12 -5.01 1.62 2.89
CA TYR A 12 -6.04 0.75 2.25
C TYR A 12 -5.70 -0.75 2.49
N GLY A 13 -4.43 -1.20 2.27
CA GLY A 13 -3.93 -2.52 2.68
C GLY A 13 -2.82 -2.28 3.72
N PHE A 14 -3.08 -2.70 4.96
CA PHE A 14 -2.36 -2.23 6.18
C PHE A 14 -1.01 -2.96 6.48
N ARG A 15 -0.17 -3.09 5.41
CA ARG A 15 0.59 -4.35 5.14
C ARG A 15 2.04 -4.03 4.61
N GLY A 16 2.23 -3.35 3.44
CA GLY A 16 3.55 -3.05 2.85
C GLY A 16 4.19 -4.29 2.14
N PRO A 17 3.80 -4.84 0.93
CA PRO A 17 2.74 -4.34 0.00
C PRO A 17 1.28 -4.53 0.54
N GLY A 18 0.33 -3.71 0.04
CA GLY A 18 -1.10 -3.71 0.49
C GLY A 18 -1.87 -5.02 0.16
N PRO A 19 -2.91 -5.20 -0.75
CA PRO A 19 -3.39 -4.19 -1.75
C PRO A 19 -4.27 -3.01 -1.19
N GLN A 20 -4.42 -1.75 -1.71
CA GLN A 20 -3.67 -1.16 -2.88
C GLN A 20 -2.64 -0.14 -2.35
N LEU A 21 -1.70 -0.70 -1.55
CA LEU A 21 -0.77 0.02 -0.62
C LEU A 21 -1.51 0.89 0.42
N SER A 1 -4.15 -1.37 -8.46
CA SER A 1 -3.21 -2.21 -7.70
C SER A 1 -1.85 -1.49 -7.59
N SER A 2 -1.34 -1.35 -6.33
CA SER A 2 -0.04 -0.68 -5.98
C SER A 2 0.07 0.79 -6.46
N MET A 3 0.13 1.73 -5.50
CA MET A 3 0.07 3.20 -5.74
C MET A 3 1.03 3.92 -4.72
N LYS A 4 1.96 4.89 -4.98
CA LYS A 4 2.11 5.70 -6.22
C LYS A 4 3.45 5.43 -7.05
N LEU A 5 4.31 4.38 -7.10
CA LEU A 5 4.21 3.03 -6.47
C LEU A 5 5.18 2.98 -5.26
N SER A 6 4.93 2.00 -4.34
CA SER A 6 5.78 1.61 -3.17
C SER A 6 5.65 2.65 -2.03
N PHE A 7 5.12 2.23 -0.86
CA PHE A 7 4.66 3.15 0.20
C PHE A 7 5.28 2.71 1.56
N ARG A 8 4.71 1.70 2.25
CA ARG A 8 4.38 1.69 3.72
C ARG A 8 3.08 0.82 3.89
N ALA A 9 1.96 1.22 3.20
CA ALA A 9 0.61 0.62 3.18
C ALA A 9 -0.01 0.29 4.55
N ARG A 10 -0.92 1.21 4.93
CA ARG A 10 -1.21 1.63 6.34
C ARG A 10 -2.54 2.42 6.50
N ALA A 11 -2.92 3.17 5.45
CA ALA A 11 -4.26 3.80 5.29
C ALA A 11 -5.28 3.04 4.38
N TYR A 12 -4.80 2.10 3.53
CA TYR A 12 -5.58 1.42 2.45
C TYR A 12 -5.76 -0.12 2.72
N GLY A 13 -4.67 -0.87 3.06
CA GLY A 13 -4.70 -2.32 3.27
C GLY A 13 -3.47 -2.66 4.12
N PHE A 14 -3.73 -3.17 5.33
CA PHE A 14 -2.95 -2.78 6.54
C PHE A 14 -1.77 -3.75 6.77
N ARG A 15 -0.77 -3.62 5.86
CA ARG A 15 -0.02 -4.79 5.30
C ARG A 15 1.48 -4.36 5.05
N GLY A 16 1.79 -3.48 4.06
CA GLY A 16 3.14 -3.02 3.70
C GLY A 16 4.03 -4.13 3.04
N PRO A 17 4.18 -4.38 1.68
CA PRO A 17 3.62 -3.59 0.55
C PRO A 17 2.18 -4.04 0.12
N GLY A 18 1.16 -3.62 0.91
CA GLY A 18 -0.26 -3.67 0.49
C GLY A 18 -0.90 -5.09 0.23
N PRO A 19 -1.91 -5.35 -0.69
CA PRO A 19 -2.51 -4.37 -1.66
C PRO A 19 -3.33 -3.22 -1.00
N GLN A 20 -3.51 -1.95 -1.48
CA GLN A 20 -3.08 -1.38 -2.82
C GLN A 20 -2.45 0.04 -2.76
N LEU A 21 -2.27 0.61 -1.54
CA LEU A 21 -1.43 1.82 -1.22
C LEU A 21 -1.84 3.12 -1.99
N SER A 1 -3.89 -2.96 -6.24
CA SER A 1 -2.54 -2.46 -6.52
C SER A 1 -2.56 -0.91 -6.57
N SER A 2 -1.64 -0.28 -5.82
CA SER A 2 -1.48 1.21 -5.75
C SER A 2 0.00 1.67 -5.98
N MET A 3 0.99 1.14 -5.23
CA MET A 3 2.47 1.24 -5.46
C MET A 3 3.06 1.77 -6.83
N LYS A 4 4.25 2.40 -7.05
CA LYS A 4 5.19 2.95 -6.03
C LYS A 4 4.72 4.38 -5.71
N LEU A 5 3.94 4.45 -4.61
CA LEU A 5 3.26 5.67 -4.12
C LEU A 5 3.72 5.82 -2.63
N SER A 6 3.18 5.01 -1.67
CA SER A 6 3.80 4.78 -0.34
C SER A 6 3.68 3.27 -0.06
N PHE A 7 4.86 2.63 0.12
CA PHE A 7 4.97 1.15 0.28
C PHE A 7 5.28 0.71 1.74
N ARG A 8 4.96 -0.48 2.28
CA ARG A 8 4.11 -1.58 1.69
C ARG A 8 2.55 -1.29 1.81
N ALA A 9 2.10 -0.03 1.84
CA ALA A 9 1.93 0.65 3.15
C ALA A 9 0.83 0.06 4.11
N ARG A 10 1.06 -0.84 5.11
CA ARG A 10 2.30 -1.63 5.36
C ARG A 10 1.86 -2.98 5.94
N ALA A 11 1.98 -3.99 5.06
CA ALA A 11 1.62 -5.43 5.28
C ALA A 11 0.09 -5.68 5.59
N TYR A 12 -0.86 -6.01 4.67
CA TYR A 12 -0.98 -5.46 3.29
C TYR A 12 -2.01 -4.30 3.37
N GLY A 13 -1.50 -3.08 3.66
CA GLY A 13 -2.34 -1.87 3.83
C GLY A 13 -2.36 -1.27 5.27
N PHE A 14 -3.17 -0.26 5.72
CA PHE A 14 -4.37 0.31 5.01
C PHE A 14 -4.23 1.85 4.89
N ARG A 15 -3.27 2.24 4.00
CA ARG A 15 -2.48 3.51 4.12
C ARG A 15 -2.07 4.07 2.70
N GLY A 16 -1.53 3.22 1.78
CA GLY A 16 -0.90 3.64 0.50
C GLY A 16 -1.76 4.45 -0.54
N PRO A 17 -3.06 4.21 -0.97
CA PRO A 17 -4.07 3.30 -0.33
C PRO A 17 -3.75 1.79 -0.56
N GLY A 18 -4.08 0.97 0.46
CA GLY A 18 -3.81 -0.49 0.47
C GLY A 18 -5.07 -1.43 0.41
N PRO A 19 -5.02 -2.80 0.13
CA PRO A 19 -3.79 -3.62 -0.05
C PRO A 19 -3.11 -3.32 -1.41
N GLN A 20 -1.80 -3.05 -1.32
CA GLN A 20 -0.93 -2.68 -2.47
C GLN A 20 0.39 -3.52 -2.45
N LEU A 21 1.08 -3.64 -1.28
CA LEU A 21 2.28 -4.53 -1.12
C LEU A 21 2.35 -5.10 0.31
N SER A 1 -4.17 -0.52 -9.06
CA SER A 1 -2.78 -0.99 -8.91
C SER A 1 -1.84 0.20 -8.63
N SER A 2 -0.96 0.04 -7.60
CA SER A 2 0.08 1.03 -7.16
C SER A 2 -0.43 2.49 -6.94
N MET A 3 -0.70 2.86 -5.67
CA MET A 3 -1.02 4.25 -5.26
C MET A 3 -0.30 4.53 -3.89
N LYS A 4 0.58 5.51 -3.59
CA LYS A 4 1.18 6.52 -4.54
C LYS A 4 2.29 5.87 -5.41
N LEU A 5 3.39 5.29 -4.86
CA LEU A 5 4.42 4.53 -5.64
C LEU A 5 5.03 3.34 -4.84
N SER A 6 5.61 3.55 -3.62
CA SER A 6 6.54 2.59 -2.99
C SER A 6 5.81 1.52 -2.10
N PHE A 7 5.04 1.68 -0.98
CA PHE A 7 4.73 2.94 -0.28
C PHE A 7 5.16 2.75 1.20
N ARG A 8 4.29 2.26 2.10
CA ARG A 8 4.52 2.30 3.57
C ARG A 8 3.84 1.00 4.09
N ALA A 9 2.51 0.62 4.04
CA ALA A 9 1.34 1.43 3.58
C ALA A 9 0.28 1.54 4.71
N ARG A 10 -0.63 2.50 4.51
CA ARG A 10 -1.33 3.24 5.60
C ARG A 10 -2.88 3.32 5.35
N ALA A 11 -3.30 3.43 4.07
CA ALA A 11 -4.66 3.86 3.64
C ALA A 11 -5.54 2.79 2.90
N TYR A 12 -4.95 1.60 2.66
CA TYR A 12 -5.42 0.53 1.73
C TYR A 12 -4.93 -0.87 2.23
N GLY A 13 -3.62 -1.09 2.46
CA GLY A 13 -3.07 -2.25 3.18
C GLY A 13 -2.33 -1.67 4.39
N PHE A 14 -2.87 -1.93 5.58
CA PHE A 14 -2.55 -1.18 6.84
C PHE A 14 -1.28 -1.73 7.58
N ARG A 15 -0.18 -1.83 6.81
CA ARG A 15 0.80 -2.99 6.86
C ARG A 15 1.90 -2.83 5.75
N GLY A 16 1.53 -2.60 4.46
CA GLY A 16 2.39 -2.72 3.28
C GLY A 16 1.81 -3.76 2.28
N PRO A 17 2.51 -4.62 1.44
CA PRO A 17 1.87 -5.27 0.27
C PRO A 17 0.87 -6.41 0.67
N GLY A 18 -0.49 -6.40 0.62
CA GLY A 18 -1.39 -5.33 0.10
C GLY A 18 -2.91 -5.76 0.18
N PRO A 19 -3.89 -5.44 -0.74
CA PRO A 19 -3.74 -4.55 -1.94
C PRO A 19 -3.56 -3.04 -1.60
N GLN A 20 -2.90 -2.11 -2.35
CA GLN A 20 -2.00 -2.36 -3.56
C GLN A 20 -0.50 -2.51 -3.18
N LEU A 21 -0.07 -1.71 -2.20
CA LEU A 21 1.36 -1.53 -1.80
C LEU A 21 1.53 -1.74 -0.30
N SER A 1 0.94 -3.88 -8.59
CA SER A 1 1.32 -3.63 -7.18
C SER A 1 1.29 -2.11 -6.92
N SER A 2 0.60 -1.69 -5.82
CA SER A 2 0.40 -0.29 -5.34
C SER A 2 -0.26 0.65 -6.39
N MET A 3 -1.25 1.47 -5.96
CA MET A 3 -2.02 2.39 -6.87
C MET A 3 -1.21 3.70 -7.17
N LYS A 4 -1.00 4.59 -6.18
CA LYS A 4 -0.05 5.76 -6.29
C LYS A 4 1.48 5.40 -6.46
N LEU A 5 1.89 4.11 -6.29
CA LEU A 5 3.30 3.61 -6.20
C LEU A 5 4.03 4.12 -4.90
N SER A 6 3.49 3.59 -3.77
CA SER A 6 3.79 3.95 -2.37
C SER A 6 3.33 2.74 -1.44
N PHE A 7 3.26 2.62 -0.08
CA PHE A 7 3.80 3.54 0.95
C PHE A 7 4.71 2.75 1.95
N ARG A 8 4.10 1.85 2.75
CA ARG A 8 4.59 1.39 4.07
C ARG A 8 3.85 0.01 4.25
N ALA A 9 2.50 -0.24 4.38
CA ALA A 9 1.36 0.73 4.33
C ALA A 9 0.43 0.63 5.57
N ARG A 10 -0.47 1.63 5.66
CA ARG A 10 -0.91 2.28 6.94
C ARG A 10 -2.36 2.87 6.90
N ALA A 11 -2.81 3.35 5.72
CA ALA A 11 -4.19 3.83 5.48
C ALA A 11 -4.58 3.26 4.10
N TYR A 12 -5.63 2.40 4.09
CA TYR A 12 -5.99 1.47 2.98
C TYR A 12 -4.78 0.65 2.43
N GLY A 13 -4.21 -0.47 2.96
CA GLY A 13 -4.58 -1.15 4.22
C GLY A 13 -3.45 -0.95 5.23
N PHE A 14 -3.03 -2.06 5.86
CA PHE A 14 -2.16 -2.05 7.09
C PHE A 14 -1.08 -3.18 7.03
N ARG A 15 -0.42 -3.36 5.84
CA ARG A 15 0.21 -4.67 5.46
C ARG A 15 1.53 -4.37 4.67
N GLY A 16 1.50 -3.92 3.38
CA GLY A 16 2.71 -3.64 2.57
C GLY A 16 3.40 -4.96 2.05
N PRO A 17 3.43 -5.45 0.76
CA PRO A 17 2.88 -4.80 -0.47
C PRO A 17 1.38 -5.15 -0.76
N GLY A 18 0.71 -4.28 -1.53
CA GLY A 18 -0.68 -4.51 -2.00
C GLY A 18 -1.25 -3.37 -2.94
N PRO A 19 -2.57 -3.21 -3.30
CA PRO A 19 -3.13 -1.90 -3.79
C PRO A 19 -4.11 -1.00 -2.90
N GLN A 20 -4.42 -0.97 -1.57
CA GLN A 20 -3.70 -1.52 -0.38
C GLN A 20 -2.30 -0.86 -0.10
N LEU A 21 -1.39 -0.87 -1.08
CA LEU A 21 -0.07 -0.17 -1.11
C LEU A 21 0.99 -0.78 -0.17
N SER A 1 -1.69 5.37 -6.27
CA SER A 1 -2.47 4.16 -6.60
C SER A 1 -1.54 2.99 -6.93
N SER A 2 -1.77 1.81 -6.29
CA SER A 2 -1.03 0.52 -6.48
C SER A 2 0.49 0.62 -6.14
N MET A 3 1.01 -0.38 -5.39
CA MET A 3 2.37 -0.34 -4.78
C MET A 3 3.60 -0.34 -5.77
N LYS A 4 4.85 0.18 -5.55
CA LYS A 4 5.27 1.16 -4.51
C LYS A 4 5.42 2.50 -5.27
N LEU A 5 4.39 3.35 -5.14
CA LEU A 5 4.35 4.74 -5.69
C LEU A 5 3.66 5.59 -4.58
N SER A 6 2.34 5.44 -4.37
CA SER A 6 1.68 5.66 -3.07
C SER A 6 1.60 4.27 -2.34
N PHE A 7 2.09 3.92 -1.10
CA PHE A 7 2.85 4.78 -0.16
C PHE A 7 3.97 3.97 0.56
N ARG A 8 3.62 3.27 1.68
CA ARG A 8 4.56 2.65 2.67
C ARG A 8 3.99 1.33 3.35
N ALA A 9 2.91 0.69 2.85
CA ALA A 9 1.54 1.13 3.20
C ALA A 9 0.99 0.65 4.57
N ARG A 10 -0.26 1.07 4.84
CA ARG A 10 -0.57 2.16 5.83
C ARG A 10 -2.14 2.26 6.03
N ALA A 11 -2.90 2.32 4.90
CA ALA A 11 -4.35 2.57 4.83
C ALA A 11 -4.77 1.81 3.55
N TYR A 12 -5.49 0.69 3.72
CA TYR A 12 -5.74 -0.37 2.69
C TYR A 12 -4.46 -0.85 1.90
N GLY A 13 -3.64 -1.90 2.19
CA GLY A 13 -3.60 -2.69 3.44
C GLY A 13 -2.65 -2.03 4.44
N PHE A 14 -2.87 -2.30 5.74
CA PHE A 14 -2.27 -1.50 6.87
C PHE A 14 -0.83 -2.02 7.26
N ARG A 15 0.04 -2.13 6.21
CA ARG A 15 1.11 -3.18 6.09
C ARG A 15 1.84 -2.97 4.71
N GLY A 16 1.18 -3.14 3.53
CA GLY A 16 1.77 -2.79 2.21
C GLY A 16 2.61 -3.94 1.59
N PRO A 17 2.21 -4.88 0.64
CA PRO A 17 0.82 -5.11 0.13
C PRO A 17 -0.03 -6.11 1.00
N GLY A 18 -1.37 -6.16 1.20
CA GLY A 18 -2.44 -5.30 0.63
C GLY A 18 -3.84 -6.02 0.59
N PRO A 19 -4.85 -5.73 -0.32
CA PRO A 19 -4.85 -4.70 -1.41
C PRO A 19 -4.69 -3.23 -0.89
N GLN A 20 -3.89 -2.28 -1.41
CA GLN A 20 -2.98 -2.37 -2.64
C GLN A 20 -1.85 -1.31 -2.72
N LEU A 21 -1.92 -0.22 -1.93
CA LEU A 21 -0.93 0.91 -1.95
C LEU A 21 0.49 0.51 -1.48
N SER A 1 -3.02 -0.45 -7.58
CA SER A 1 -1.86 -1.32 -7.39
C SER A 1 -0.62 -0.48 -7.06
N SER A 2 0.11 -0.85 -5.98
CA SER A 2 1.34 -0.19 -5.44
C SER A 2 1.23 1.35 -5.22
N MET A 3 1.30 1.81 -3.95
CA MET A 3 1.08 3.24 -3.57
C MET A 3 2.35 3.76 -2.78
N LYS A 4 3.03 4.94 -2.93
CA LYS A 4 2.57 6.17 -3.66
C LYS A 4 3.57 6.50 -4.86
N LEU A 5 3.94 5.74 -5.92
CA LEU A 5 3.69 4.27 -6.17
C LEU A 5 4.55 3.34 -5.28
N SER A 6 5.81 3.72 -4.95
CA SER A 6 6.66 3.01 -3.96
C SER A 6 6.17 3.35 -2.51
N PHE A 7 5.63 2.50 -1.58
CA PHE A 7 5.52 1.02 -1.63
C PHE A 7 4.12 0.54 -1.13
N ARG A 8 3.82 0.65 0.19
CA ARG A 8 2.89 -0.26 0.89
C ARG A 8 1.83 0.68 1.58
N ALA A 9 1.29 0.37 2.78
CA ALA A 9 1.82 1.00 4.02
C ALA A 9 1.30 0.13 5.22
N ARG A 10 2.01 -0.82 5.91
CA ARG A 10 3.35 -1.35 5.59
C ARG A 10 3.30 -2.88 5.83
N ALA A 11 3.04 -3.59 4.70
CA ALA A 11 2.87 -5.05 4.56
C ALA A 11 1.64 -5.66 5.34
N TYR A 12 0.44 -5.98 4.80
CA TYR A 12 -0.26 -5.29 3.66
C TYR A 12 -1.17 -4.21 4.28
N GLY A 13 -1.12 -2.99 3.70
CA GLY A 13 -1.72 -1.80 4.32
C GLY A 13 -3.19 -1.63 3.91
N PHE A 14 -4.05 -1.48 4.93
CA PHE A 14 -5.48 -1.06 4.75
C PHE A 14 -5.64 0.51 4.78
N ARG A 15 -4.68 1.18 4.10
CA ARG A 15 -3.81 2.25 4.70
C ARG A 15 -3.13 3.05 3.52
N GLY A 16 -2.43 2.38 2.55
CA GLY A 16 -1.68 3.00 1.43
C GLY A 16 -2.42 4.05 0.53
N PRO A 17 -3.68 3.97 -0.04
CA PRO A 17 -4.73 2.93 0.22
C PRO A 17 -4.38 1.52 -0.33
N GLY A 18 -4.83 0.46 0.38
CA GLY A 18 -4.63 -0.95 -0.05
C GLY A 18 -5.73 -1.96 0.44
N PRO A 19 -5.53 -3.31 0.67
CA PRO A 19 -4.24 -4.05 0.61
C PRO A 19 -3.72 -4.19 -0.85
N GLN A 20 -2.62 -3.47 -1.11
CA GLN A 20 -1.87 -3.51 -2.40
C GLN A 20 -0.47 -4.15 -2.24
N LEU A 21 0.33 -3.82 -1.18
CA LEU A 21 1.68 -4.39 -0.95
C LEU A 21 1.95 -4.49 0.55
N SER A 1 -0.78 -3.15 -9.01
CA SER A 1 -0.21 -2.29 -7.95
C SER A 1 -0.85 -0.88 -8.04
N SER A 2 -1.43 -0.42 -6.92
CA SER A 2 -2.00 0.95 -6.78
C SER A 2 -1.65 1.61 -5.39
N MET A 3 -1.51 2.94 -5.11
CA MET A 3 -1.91 4.11 -5.96
C MET A 3 -0.72 5.11 -6.18
N LYS A 4 -0.13 5.69 -5.10
CA LYS A 4 1.08 6.53 -5.13
C LYS A 4 2.24 5.56 -4.82
N LEU A 5 3.06 5.23 -5.85
CA LEU A 5 3.69 3.90 -6.00
C LEU A 5 4.92 3.75 -5.06
N SER A 6 5.00 2.56 -4.42
CA SER A 6 5.95 2.20 -3.31
C SER A 6 5.71 3.09 -2.06
N PHE A 7 4.92 2.58 -1.08
CA PHE A 7 4.15 3.43 -0.15
C PHE A 7 4.77 3.29 1.26
N ARG A 8 4.08 2.68 2.25
CA ARG A 8 4.41 2.86 3.69
C ARG A 8 4.30 1.44 4.35
N ALA A 9 3.21 0.61 4.44
CA ALA A 9 1.83 0.86 3.94
C ALA A 9 0.77 0.62 5.04
N ARG A 10 -0.26 1.48 4.98
CA ARG A 10 -0.93 2.09 6.19
C ARG A 10 -2.40 2.56 5.88
N ALA A 11 -2.60 3.12 4.67
CA ALA A 11 -3.90 3.57 4.12
C ALA A 11 -4.04 2.93 2.71
N TYR A 12 -5.30 2.59 2.32
CA TYR A 12 -5.65 1.73 1.14
C TYR A 12 -5.11 0.27 1.15
N GLY A 13 -3.78 0.05 1.25
CA GLY A 13 -3.19 -1.25 1.62
C GLY A 13 -2.62 -1.02 3.01
N PHE A 14 -3.34 -1.54 4.02
CA PHE A 14 -3.11 -1.18 5.47
C PHE A 14 -1.94 -1.96 6.17
N ARG A 15 -0.99 -2.50 5.37
CA ARG A 15 -0.48 -3.90 5.54
C ARG A 15 1.03 -3.95 5.12
N GLY A 16 1.41 -3.69 3.82
CA GLY A 16 2.81 -3.74 3.34
C GLY A 16 3.27 -5.21 3.07
N PRO A 17 3.02 -5.98 1.95
CA PRO A 17 2.38 -5.52 0.67
C PRO A 17 0.83 -5.72 0.65
N GLY A 18 0.08 -4.60 0.72
CA GLY A 18 -1.27 -4.49 0.09
C GLY A 18 -2.46 -5.31 0.70
N PRO A 19 -3.75 -5.29 0.18
CA PRO A 19 -4.18 -4.68 -1.11
C PRO A 19 -4.47 -3.14 -0.99
N GLN A 20 -3.85 -2.10 -1.62
CA GLN A 20 -2.64 -2.17 -2.52
C GLN A 20 -1.45 -1.45 -1.86
N LEU A 21 -0.26 -2.02 -2.14
CA LEU A 21 1.09 -1.55 -1.67
C LEU A 21 1.35 -1.79 -0.18
N SER A 1 -5.17 0.21 -8.23
CA SER A 1 -4.46 -1.07 -8.02
C SER A 1 -2.94 -0.80 -8.01
N SER A 2 -2.23 -1.31 -6.96
CA SER A 2 -0.76 -1.18 -6.73
C SER A 2 -0.24 0.30 -6.76
N MET A 3 -0.41 1.01 -5.61
CA MET A 3 -0.17 2.47 -5.52
C MET A 3 1.32 2.77 -5.19
N LYS A 4 1.84 3.80 -5.87
CA LYS A 4 3.29 4.07 -6.01
C LYS A 4 3.52 5.36 -5.20
N LEU A 5 4.06 5.21 -3.99
CA LEU A 5 4.38 6.33 -3.05
C LEU A 5 5.67 5.83 -2.36
N SER A 6 5.61 5.14 -1.19
CA SER A 6 6.58 4.07 -0.80
C SER A 6 6.08 3.46 0.54
N PHE A 7 5.64 2.18 0.78
CA PHE A 7 5.17 1.17 -0.22
C PHE A 7 3.96 0.39 0.35
N ARG A 8 4.04 -0.29 1.51
CA ARG A 8 3.56 0.27 2.84
C ARG A 8 3.07 1.78 2.98
N ALA A 9 2.10 2.09 2.12
CA ALA A 9 1.93 3.45 1.57
C ALA A 9 1.16 4.48 2.48
N ARG A 10 0.03 4.30 3.25
CA ARG A 10 -0.72 3.03 3.49
C ARG A 10 -2.25 3.29 3.69
N ALA A 11 -2.91 2.47 4.54
CA ALA A 11 -4.31 2.58 5.01
C ALA A 11 -5.44 2.15 4.02
N TYR A 12 -5.25 2.36 2.70
CA TYR A 12 -5.77 1.44 1.64
C TYR A 12 -5.14 0.01 1.61
N GLY A 13 -3.81 -0.13 1.75
CA GLY A 13 -3.20 -1.36 2.28
C GLY A 13 -3.02 -1.28 3.80
N PHE A 14 -2.37 -2.34 4.32
CA PHE A 14 -2.27 -2.62 5.79
C PHE A 14 -0.90 -3.23 6.24
N ARG A 15 -0.04 -3.60 5.27
CA ARG A 15 1.20 -4.41 5.50
C ARG A 15 2.36 -3.95 4.55
N GLY A 16 2.12 -3.80 3.22
CA GLY A 16 3.15 -3.48 2.21
C GLY A 16 3.74 -4.81 1.66
N PRO A 17 3.13 -5.71 0.80
CA PRO A 17 1.87 -5.48 0.01
C PRO A 17 0.58 -5.46 0.88
N GLY A 18 -0.46 -4.75 0.39
CA GLY A 18 -1.64 -4.36 1.18
C GLY A 18 -2.72 -5.47 1.29
N PRO A 19 -3.83 -5.62 0.48
CA PRO A 19 -4.09 -4.87 -0.79
C PRO A 19 -4.58 -3.39 -0.58
N GLN A 20 -4.23 -2.27 -1.29
CA GLN A 20 -3.28 -2.21 -2.45
C GLN A 20 -2.04 -1.40 -2.04
N LEU A 21 -1.10 -2.15 -1.43
CA LEU A 21 0.27 -1.70 -1.01
C LEU A 21 0.21 -0.71 0.16
N SER A 1 -1.17 4.07 -4.45
CA SER A 1 -2.51 3.59 -4.86
C SER A 1 -2.55 2.12 -5.38
N SER A 2 -1.65 1.69 -6.30
CA SER A 2 -1.55 0.30 -6.84
C SER A 2 -0.07 -0.19 -6.90
N MET A 3 0.57 -0.35 -5.72
CA MET A 3 1.92 -0.97 -5.51
C MET A 3 3.08 -0.25 -6.27
N LYS A 4 4.27 -0.11 -5.61
CA LYS A 4 5.51 0.56 -6.16
C LYS A 4 5.25 2.00 -6.73
N LEU A 5 4.86 2.94 -5.84
CA LEU A 5 4.46 4.33 -6.21
C LEU A 5 4.88 5.30 -5.07
N SER A 6 4.24 5.21 -3.86
CA SER A 6 4.61 5.98 -2.65
C SER A 6 5.26 5.09 -1.56
N PHE A 7 4.64 3.94 -1.14
CA PHE A 7 5.25 2.87 -0.32
C PHE A 7 5.64 3.31 1.14
N ARG A 8 5.62 2.51 2.25
CA ARG A 8 5.50 1.02 2.32
C ARG A 8 4.08 0.54 1.89
N ALA A 9 2.88 0.95 2.35
CA ALA A 9 2.60 1.67 3.63
C ALA A 9 2.22 0.72 4.82
N ARG A 10 2.86 -0.46 4.93
CA ARG A 10 2.12 -1.73 4.76
C ARG A 10 2.35 -2.72 5.93
N ALA A 11 1.46 -3.71 6.05
CA ALA A 11 1.82 -5.13 5.75
C ALA A 11 0.51 -5.97 5.92
N TYR A 12 -0.39 -6.29 4.95
CA TYR A 12 -0.47 -5.81 3.54
C TYR A 12 -2.00 -5.74 3.22
N GLY A 13 -2.63 -4.57 3.43
CA GLY A 13 -4.11 -4.48 3.40
C GLY A 13 -4.87 -3.17 3.69
N PHE A 14 -4.33 -2.26 4.52
CA PHE A 14 -5.14 -1.40 5.45
C PHE A 14 -4.87 0.14 5.36
N ARG A 15 -3.75 0.56 4.75
CA ARG A 15 -2.97 1.78 5.20
C ARG A 15 -2.64 2.75 4.03
N GLY A 16 -2.12 2.27 2.85
CA GLY A 16 -1.77 3.11 1.68
C GLY A 16 -2.93 3.87 0.95
N PRO A 17 -4.17 3.37 0.54
CA PRO A 17 -4.83 2.11 0.99
C PRO A 17 -4.27 0.82 0.33
N GLY A 18 -4.27 -0.29 1.10
CA GLY A 18 -3.93 -1.65 0.60
C GLY A 18 -5.14 -2.63 0.40
N PRO A 19 -5.05 -3.95 -0.04
CA PRO A 19 -3.81 -4.73 -0.32
C PRO A 19 -3.19 -4.34 -1.68
N GLN A 20 -1.87 -4.13 -1.68
CA GLN A 20 -1.04 -3.50 -2.78
C GLN A 20 0.18 -2.79 -2.10
N LEU A 21 -0.06 -1.85 -1.14
CA LEU A 21 1.00 -1.07 -0.44
C LEU A 21 0.34 -0.55 0.85
N SER A 1 -3.57 3.82 -7.44
CA SER A 1 -2.68 3.23 -6.41
C SER A 1 -2.61 1.71 -6.63
N SER A 2 -1.40 1.16 -6.89
CA SER A 2 -1.12 -0.30 -7.01
C SER A 2 0.41 -0.55 -6.83
N MET A 3 0.91 -0.55 -5.55
CA MET A 3 2.32 -0.87 -5.13
C MET A 3 3.45 -0.06 -5.87
N LYS A 4 4.61 0.15 -5.21
CA LYS A 4 5.87 0.78 -5.79
C LYS A 4 5.60 2.19 -6.42
N LEU A 5 5.49 3.23 -5.56
CA LEU A 5 5.12 4.62 -5.98
C LEU A 5 5.96 5.51 -5.00
N SER A 6 5.35 6.19 -3.98
CA SER A 6 5.99 6.49 -2.67
C SER A 6 4.77 6.58 -1.69
N PHE A 7 4.15 5.54 -1.04
CA PHE A 7 4.54 4.10 -0.91
C PHE A 7 5.77 3.94 0.06
N ARG A 8 5.65 2.83 0.79
CA ARG A 8 6.03 2.64 2.21
C ARG A 8 5.84 1.10 2.48
N ALA A 9 4.60 0.55 2.29
CA ALA A 9 4.16 -0.82 2.63
C ALA A 9 4.38 -1.28 4.12
N ARG A 10 3.67 -0.65 5.09
CA ARG A 10 2.25 -0.99 5.50
C ARG A 10 2.15 -2.48 5.97
N ALA A 11 1.27 -3.30 5.36
CA ALA A 11 1.67 -4.38 4.41
C ALA A 11 0.79 -5.62 4.74
N TYR A 12 -0.36 -6.01 4.13
CA TYR A 12 -1.13 -5.31 3.05
C TYR A 12 -2.64 -5.50 3.31
N GLY A 13 -3.40 -4.38 3.28
CA GLY A 13 -4.90 -4.38 3.34
C GLY A 13 -5.59 -3.63 4.50
N PHE A 14 -5.09 -2.43 4.89
CA PHE A 14 -5.46 -1.73 6.18
C PHE A 14 -5.06 -0.22 6.13
N ARG A 15 -3.82 0.13 5.72
CA ARG A 15 -3.11 1.39 6.13
C ARG A 15 -2.84 2.35 4.92
N GLY A 16 -2.20 1.90 3.79
CA GLY A 16 -1.86 2.72 2.61
C GLY A 16 -2.99 3.61 1.94
N PRO A 17 -4.34 3.33 1.73
CA PRO A 17 -5.07 2.06 2.05
C PRO A 17 -5.13 1.03 0.88
N GLY A 18 -5.24 -0.28 1.21
CA GLY A 18 -5.72 -1.33 0.27
C GLY A 18 -4.81 -2.59 0.09
N PRO A 19 -5.24 -3.87 -0.26
CA PRO A 19 -4.31 -5.03 -0.39
C PRO A 19 -3.55 -4.98 -1.74
N GLN A 20 -2.37 -4.35 -1.68
CA GLN A 20 -1.66 -3.63 -2.81
C GLN A 20 -0.71 -2.59 -2.17
N LEU A 21 -1.18 -1.69 -1.25
CA LEU A 21 -0.36 -0.79 -0.41
C LEU A 21 -1.21 -0.46 0.82
N SER A 1 -3.01 3.61 -7.80
CA SER A 1 -2.21 2.86 -6.83
C SER A 1 -2.30 1.35 -7.15
N SER A 2 -1.14 0.70 -7.37
CA SER A 2 -1.01 -0.79 -7.51
C SER A 2 0.47 -1.18 -7.16
N MET A 3 0.79 -1.30 -5.84
CA MET A 3 2.12 -1.69 -5.25
C MET A 3 3.35 -0.89 -5.78
N LYS A 4 4.30 -0.60 -4.83
CA LYS A 4 5.61 0.10 -5.06
C LYS A 4 5.53 1.42 -5.90
N LEU A 5 4.86 2.45 -5.32
CA LEU A 5 4.63 3.78 -5.95
C LEU A 5 4.65 4.87 -4.84
N SER A 6 3.67 4.87 -3.88
CA SER A 6 3.62 5.79 -2.73
C SER A 6 4.01 5.12 -1.39
N PHE A 7 3.41 3.97 -0.94
CA PHE A 7 3.90 3.12 0.19
C PHE A 7 3.89 3.85 1.60
N ARG A 8 3.87 3.31 2.83
CA ARG A 8 4.10 1.88 3.20
C ARG A 8 2.73 1.18 3.36
N ALA A 9 2.50 0.26 2.41
CA ALA A 9 1.91 -1.06 2.71
C ALA A 9 2.61 -2.09 1.81
N ARG A 10 3.21 -3.03 2.51
CA ARG A 10 3.80 -4.29 1.97
C ARG A 10 2.79 -5.48 1.94
N ALA A 11 1.66 -5.36 2.68
CA ALA A 11 1.28 -6.35 3.69
C ALA A 11 -0.06 -7.12 3.44
N TYR A 12 -1.27 -6.70 2.99
CA TYR A 12 -1.65 -5.38 2.39
C TYR A 12 -3.04 -4.90 2.92
N GLY A 13 -3.16 -3.59 3.20
CA GLY A 13 -4.45 -2.92 3.48
C GLY A 13 -4.77 -2.57 4.94
N PHE A 14 -3.88 -1.80 5.61
CA PHE A 14 -3.94 -1.49 7.08
C PHE A 14 -3.29 -0.12 7.48
N ARG A 15 -2.42 0.42 6.60
CA ARG A 15 -1.14 1.12 6.97
C ARG A 15 -0.74 2.25 5.95
N GLY A 16 -0.81 2.01 4.61
CA GLY A 16 -0.47 2.99 3.55
C GLY A 16 -1.30 4.34 3.57
N PRO A 17 -2.68 4.46 3.53
CA PRO A 17 -3.68 3.36 3.43
C PRO A 17 -3.83 2.82 1.98
N GLY A 18 -4.10 1.50 1.86
CA GLY A 18 -4.43 0.88 0.56
C GLY A 18 -4.21 -0.66 0.51
N PRO A 19 -5.15 -1.61 0.13
CA PRO A 19 -4.79 -3.03 -0.14
C PRO A 19 -4.06 -3.24 -1.51
N GLN A 20 -2.76 -2.88 -1.50
CA GLN A 20 -1.85 -2.70 -2.66
C GLN A 20 -0.61 -1.87 -2.18
N LEU A 21 -0.81 -0.71 -1.49
CA LEU A 21 0.29 0.19 -1.01
C LEU A 21 -0.24 1.19 0.06
N SER A 1 -0.20 4.42 -3.66
CA SER A 1 -1.62 4.19 -4.01
C SER A 1 -1.93 2.86 -4.78
N SER A 2 -1.12 2.48 -5.81
CA SER A 2 -1.32 1.24 -6.62
C SER A 2 0.06 0.57 -6.91
N MET A 3 0.56 -0.19 -5.90
CA MET A 3 1.77 -1.07 -5.93
C MET A 3 3.08 -0.38 -6.43
N LYS A 4 4.12 -0.40 -5.55
CA LYS A 4 5.44 0.30 -5.70
C LYS A 4 5.39 1.76 -6.29
N LEU A 5 4.81 2.68 -5.47
CA LEU A 5 4.65 4.12 -5.82
C LEU A 5 4.84 4.88 -4.46
N SER A 6 3.84 4.85 -3.52
CA SER A 6 4.01 5.21 -2.09
C SER A 6 2.98 4.33 -1.31
N PHE A 7 3.24 3.32 -0.41
CA PHE A 7 4.55 2.85 0.16
C PHE A 7 5.15 3.95 1.09
N ARG A 8 5.11 4.01 2.45
CA ARG A 8 4.67 2.96 3.41
C ARG A 8 3.13 2.92 3.61
N ALA A 9 2.47 2.18 2.72
CA ALA A 9 1.89 0.87 3.07
C ALA A 9 2.79 -0.25 2.52
N ARG A 10 3.11 -1.21 3.41
CA ARG A 10 4.01 -2.39 3.15
C ARG A 10 3.76 -3.61 4.07
N ALA A 11 3.03 -3.41 5.18
CA ALA A 11 2.24 -4.45 5.86
C ALA A 11 0.80 -4.28 5.33
N TYR A 12 0.29 -5.34 4.68
CA TYR A 12 -0.64 -5.20 3.54
C TYR A 12 -2.12 -5.12 4.02
N GLY A 13 -2.72 -3.95 3.75
CA GLY A 13 -4.19 -3.79 3.62
C GLY A 13 -4.95 -3.25 4.85
N PHE A 14 -4.59 -2.04 5.30
CA PHE A 14 -5.16 -1.38 6.53
C PHE A 14 -4.96 0.16 6.33
N ARG A 15 -3.69 0.65 6.32
CA ARG A 15 -3.30 1.98 5.78
C ARG A 15 -2.75 1.81 4.33
N GLY A 16 -3.03 2.80 3.46
CA GLY A 16 -2.51 2.85 2.08
C GLY A 16 -3.41 3.82 1.26
N PRO A 17 -4.68 3.56 0.79
CA PRO A 17 -5.47 2.29 1.00
C PRO A 17 -4.95 1.10 0.16
N GLY A 18 -5.06 -0.13 0.70
CA GLY A 18 -4.67 -1.38 -0.01
C GLY A 18 -5.55 -2.64 0.32
N PRO A 19 -5.12 -3.96 0.29
CA PRO A 19 -3.72 -4.43 0.08
C PRO A 19 -3.30 -4.40 -1.40
N GLN A 20 -2.08 -3.87 -1.65
CA GLN A 20 -1.32 -3.97 -2.93
C GLN A 20 0.19 -3.61 -2.74
N LEU A 21 0.51 -2.59 -1.89
CA LEU A 21 1.83 -1.92 -1.83
C LEU A 21 2.76 -2.72 -0.92
N SER A 1 -4.01 1.81 -8.84
CA SER A 1 -3.30 2.20 -7.60
C SER A 1 -2.59 0.97 -7.01
N SER A 2 -1.26 1.11 -6.78
CA SER A 2 -0.37 0.01 -6.28
C SER A 2 0.83 0.63 -5.48
N MET A 3 1.29 -0.05 -4.41
CA MET A 3 2.27 0.48 -3.43
C MET A 3 3.75 0.47 -3.97
N LYS A 4 4.51 1.49 -3.47
CA LYS A 4 5.94 1.77 -3.78
C LYS A 4 6.29 1.86 -5.33
N LEU A 5 6.02 2.93 -6.14
CA LEU A 5 5.19 4.12 -5.82
C LEU A 5 3.66 3.77 -5.85
N SER A 6 2.69 4.16 -5.00
CA SER A 6 2.79 4.90 -3.71
C SER A 6 1.91 4.17 -2.66
N PHE A 7 2.27 3.87 -1.40
CA PHE A 7 2.77 4.86 -0.36
C PHE A 7 4.00 4.38 0.46
N ARG A 8 3.88 3.19 1.10
CA ARG A 8 4.35 2.85 2.48
C ARG A 8 3.38 1.71 2.97
N ALA A 9 2.03 1.95 2.84
CA ALA A 9 0.92 1.30 3.54
C ALA A 9 0.96 1.45 5.07
N ARG A 10 -0.03 2.21 5.54
CA ARG A 10 -0.04 2.90 6.87
C ARG A 10 -1.44 2.92 7.54
N ALA A 11 -2.52 3.03 6.74
CA ALA A 11 -3.92 2.74 7.17
C ALA A 11 -4.42 1.56 6.28
N TYR A 12 -4.82 1.80 5.00
CA TYR A 12 -4.72 0.82 3.89
C TYR A 12 -3.25 0.43 3.49
N GLY A 13 -2.82 -0.70 2.84
CA GLY A 13 -3.64 -1.89 2.48
C GLY A 13 -3.32 -3.18 3.26
N PHE A 14 -3.32 -3.07 4.61
CA PHE A 14 -3.22 -4.19 5.60
C PHE A 14 -1.95 -5.12 5.41
N ARG A 15 -0.65 -4.80 5.14
CA ARG A 15 -0.04 -3.48 4.75
C ARG A 15 1.22 -3.80 3.90
N GLY A 16 1.20 -3.40 2.61
CA GLY A 16 2.42 -2.97 1.88
C GLY A 16 3.26 -4.16 1.33
N PRO A 17 3.01 -4.88 0.16
CA PRO A 17 1.93 -4.62 -0.85
C PRO A 17 0.48 -4.71 -0.31
N GLY A 18 -0.44 -3.90 -0.88
CA GLY A 18 -1.74 -3.57 -0.27
C GLY A 18 -2.79 -4.74 -0.20
N PRO A 19 -4.15 -4.68 -0.44
CA PRO A 19 -4.96 -3.73 -1.30
C PRO A 19 -4.30 -2.75 -2.32
N GLN A 20 -4.07 -1.44 -2.02
CA GLN A 20 -3.75 -0.41 -3.06
C GLN A 20 -2.55 0.53 -2.71
N LEU A 21 -2.47 1.11 -1.49
CA LEU A 21 -1.35 2.04 -1.13
C LEU A 21 -0.95 1.73 0.33
N SER A 1 -4.28 2.77 -6.99
CA SER A 1 -3.20 2.31 -6.09
C SER A 1 -2.62 0.98 -6.59
N SER A 2 -1.26 0.92 -6.69
CA SER A 2 -0.49 -0.29 -7.11
C SER A 2 1.01 0.00 -6.79
N MET A 3 1.68 -0.95 -6.11
CA MET A 3 3.07 -0.81 -5.55
C MET A 3 4.13 0.10 -6.27
N LYS A 4 5.02 0.76 -5.48
CA LYS A 4 6.09 1.72 -5.91
C LYS A 4 5.47 3.02 -6.53
N LEU A 5 5.07 3.96 -5.62
CA LEU A 5 4.42 5.25 -5.99
C LEU A 5 4.89 6.29 -4.91
N SER A 6 4.36 6.23 -3.65
CA SER A 6 4.90 6.96 -2.46
C SER A 6 4.89 6.07 -1.19
N PHE A 7 3.74 5.46 -0.78
CA PHE A 7 3.65 4.11 -0.15
C PHE A 7 4.31 4.02 1.28
N ARG A 8 3.83 2.97 1.95
CA ARG A 8 4.25 2.43 3.26
C ARG A 8 4.35 0.88 3.17
N ALA A 9 3.31 0.17 2.63
CA ALA A 9 2.94 -1.22 2.97
C ALA A 9 4.07 -2.28 3.16
N ARG A 10 3.80 -3.18 4.13
CA ARG A 10 4.55 -3.27 5.43
C ARG A 10 3.69 -4.17 6.36
N ALA A 11 2.41 -3.77 6.65
CA ALA A 11 1.36 -4.61 7.22
C ALA A 11 0.14 -4.28 6.32
N TYR A 12 -0.29 -5.29 5.54
CA TYR A 12 -1.11 -5.09 4.32
C TYR A 12 -2.60 -5.23 4.69
N GLY A 13 -3.37 -4.16 4.38
CA GLY A 13 -4.86 -4.16 4.46
C GLY A 13 -5.63 -2.85 4.74
N PHE A 14 -4.98 -1.81 5.28
CA PHE A 14 -5.61 -0.77 6.17
C PHE A 14 -5.10 0.69 5.94
N ARG A 15 -4.13 0.92 5.04
CA ARG A 15 -3.11 2.01 5.18
C ARG A 15 -3.00 2.91 3.90
N GLY A 16 -2.79 2.34 2.68
CA GLY A 16 -2.56 3.09 1.42
C GLY A 16 -3.76 3.97 0.89
N PRO A 17 -5.10 3.62 0.78
CA PRO A 17 -5.77 2.36 1.22
C PRO A 17 -5.43 1.14 0.33
N GLY A 18 -5.42 -0.07 0.93
CA GLY A 18 -5.03 -1.32 0.23
C GLY A 18 -5.84 -2.61 0.60
N PRO A 19 -5.33 -3.90 0.53
CA PRO A 19 -3.91 -4.29 0.32
C PRO A 19 -3.50 -4.30 -1.17
N GLN A 20 -2.28 -3.80 -1.45
CA GLN A 20 -1.59 -3.89 -2.78
C GLN A 20 -0.08 -3.50 -2.69
N LEU A 21 0.31 -2.45 -1.92
CA LEU A 21 1.55 -1.65 -2.18
C LEU A 21 2.86 -2.39 -1.77
N SER A 1 -2.09 4.58 -8.16
CA SER A 1 -3.25 3.77 -7.74
C SER A 1 -2.99 2.28 -8.00
N SER A 2 -3.37 1.42 -7.02
CA SER A 2 -3.25 -0.08 -7.04
C SER A 2 -1.76 -0.54 -7.01
N MET A 3 -1.23 -0.73 -5.77
CA MET A 3 0.10 -1.29 -5.42
C MET A 3 1.31 -0.56 -6.09
N LYS A 4 1.86 0.39 -5.30
CA LYS A 4 3.26 0.89 -5.35
C LYS A 4 3.59 1.76 -6.60
N LEU A 5 3.79 3.12 -6.62
CA LEU A 5 3.70 4.13 -5.48
C LEU A 5 4.80 3.85 -4.41
N SER A 6 5.01 4.78 -3.45
CA SER A 6 5.89 4.56 -2.27
C SER A 6 5.11 4.93 -1.00
N PHE A 7 4.81 3.88 -0.19
CA PHE A 7 3.97 3.98 1.04
C PHE A 7 4.57 3.00 2.09
N ARG A 8 4.57 3.48 3.33
CA ARG A 8 4.15 2.74 4.57
C ARG A 8 3.12 1.54 4.58
N ALA A 9 2.40 1.26 3.49
CA ALA A 9 0.93 1.29 3.47
C ALA A 9 0.08 0.61 4.60
N ARG A 10 -1.04 1.12 5.18
CA ARG A 10 -1.50 2.55 5.29
C ARG A 10 -2.62 2.69 6.36
N ALA A 11 -3.81 2.12 6.06
CA ALA A 11 -5.11 2.86 5.96
C ALA A 11 -6.14 2.10 5.05
N TYR A 12 -5.64 1.33 4.04
CA TYR A 12 -6.42 0.66 2.97
C TYR A 12 -6.19 -0.89 3.03
N GLY A 13 -4.93 -1.39 2.85
CA GLY A 13 -4.56 -2.82 3.00
C GLY A 13 -3.32 -2.83 3.91
N PHE A 14 -3.46 -3.43 5.09
CA PHE A 14 -2.77 -2.98 6.33
C PHE A 14 -1.37 -3.63 6.50
N ARG A 15 -0.47 -3.26 5.56
CA ARG A 15 0.51 -4.22 4.96
C ARG A 15 1.86 -3.46 4.73
N GLY A 16 2.02 -2.62 3.67
CA GLY A 16 3.31 -2.01 3.26
C GLY A 16 4.43 -3.06 2.92
N PRO A 17 4.77 -3.54 1.66
CA PRO A 17 4.35 -2.96 0.36
C PRO A 17 2.99 -3.51 -0.17
N GLY A 18 1.85 -2.94 0.32
CA GLY A 18 0.50 -3.11 -0.27
C GLY A 18 0.02 -4.56 -0.66
N PRO A 19 -0.96 -4.87 -1.61
CA PRO A 19 -1.87 -3.89 -2.31
C PRO A 19 -2.86 -3.15 -1.34
N GLN A 20 -3.67 -2.10 -1.64
CA GLN A 20 -3.79 -1.31 -2.93
C GLN A 20 -2.95 0.00 -3.03
N LEU A 21 -2.19 0.38 -1.97
CA LEU A 21 -1.15 1.45 -2.03
C LEU A 21 0.18 0.94 -1.45
N SER A 1 -4.66 5.51 -6.67
CA SER A 1 -3.47 5.13 -5.89
C SER A 1 -3.36 3.59 -5.87
N SER A 2 -2.17 3.07 -6.25
CA SER A 2 -1.86 1.61 -6.37
C SER A 2 -0.35 1.38 -6.09
N MET A 3 -0.01 0.24 -5.42
CA MET A 3 1.38 -0.16 -5.02
C MET A 3 2.48 0.01 -6.12
N LYS A 4 3.69 0.42 -5.67
CA LYS A 4 4.91 0.72 -6.48
C LYS A 4 4.60 1.79 -7.60
N LEU A 5 4.36 3.14 -7.45
CA LEU A 5 4.61 4.04 -6.27
C LEU A 5 4.15 3.57 -4.84
N SER A 6 4.80 3.78 -3.66
CA SER A 6 6.23 4.15 -3.45
C SER A 6 6.87 3.47 -2.20
N PHE A 7 6.44 3.36 -0.91
CA PHE A 7 5.12 3.79 -0.33
C PHE A 7 5.35 4.09 1.18
N ARG A 8 4.70 5.19 1.60
CA ARG A 8 4.12 5.43 2.94
C ARG A 8 3.44 4.31 3.82
N ALA A 9 3.11 3.14 3.24
CA ALA A 9 1.73 2.65 3.20
C ALA A 9 0.91 2.42 4.52
N ARG A 10 -0.45 2.61 4.67
CA ARG A 10 -1.36 3.48 3.88
C ARG A 10 -2.65 3.75 4.72
N ALA A 11 -3.67 2.87 4.59
CA ALA A 11 -5.13 3.19 4.75
C ALA A 11 -6.08 1.95 4.65
N TYR A 12 -5.72 0.90 3.86
CA TYR A 12 -6.66 -0.12 3.31
C TYR A 12 -6.86 -1.28 4.33
N GLY A 13 -5.80 -2.02 4.76
CA GLY A 13 -5.86 -2.93 5.93
C GLY A 13 -5.22 -4.33 5.79
N PHE A 14 -3.95 -4.39 5.32
CA PHE A 14 -3.29 -5.66 4.84
C PHE A 14 -1.72 -5.57 4.92
N ARG A 15 -1.09 -4.37 4.93
CA ARG A 15 -0.59 -3.72 3.67
C ARG A 15 0.73 -2.92 3.91
N GLY A 16 1.47 -2.68 2.80
CA GLY A 16 2.85 -2.19 2.78
C GLY A 16 3.84 -3.39 2.81
N PRO A 17 4.03 -4.36 1.82
CA PRO A 17 3.40 -4.38 0.46
C PRO A 17 1.91 -4.80 0.47
N GLY A 18 1.09 -4.07 -0.31
CA GLY A 18 -0.38 -4.26 -0.38
C GLY A 18 -0.82 -5.56 -1.16
N PRO A 19 -1.80 -5.62 -2.13
CA PRO A 19 -2.57 -4.48 -2.71
C PRO A 19 -3.60 -3.87 -1.69
N GLN A 20 -3.77 -2.56 -1.36
CA GLN A 20 -3.27 -1.36 -2.12
C GLN A 20 -2.18 -0.68 -1.28
N LEU A 21 -1.03 -0.51 -1.95
CA LEU A 21 0.23 0.11 -1.42
C LEU A 21 0.75 -0.63 -0.17
N SER A 1 -5.24 -0.83 -6.74
CA SER A 1 -4.53 0.27 -7.45
C SER A 1 -2.98 0.13 -7.51
N SER A 2 -2.25 -0.20 -6.40
CA SER A 2 -0.77 -0.36 -6.30
C SER A 2 0.03 0.89 -6.82
N MET A 3 0.15 1.91 -5.94
CA MET A 3 0.88 3.16 -6.24
C MET A 3 2.25 3.01 -5.53
N LYS A 4 3.32 3.02 -6.33
CA LYS A 4 4.74 2.97 -5.86
C LYS A 4 5.27 4.15 -4.97
N LEU A 5 4.50 5.27 -4.82
CA LEU A 5 4.61 6.22 -3.67
C LEU A 5 4.43 5.52 -2.27
N SER A 6 3.36 4.69 -2.16
CA SER A 6 3.28 3.56 -1.21
C SER A 6 4.12 2.29 -1.65
N PHE A 7 4.59 1.32 -0.83
CA PHE A 7 4.61 1.33 0.66
C PHE A 7 5.86 2.06 1.26
N ARG A 8 5.90 2.80 2.41
CA ARG A 8 4.79 3.01 3.38
C ARG A 8 4.03 4.29 3.03
N ALA A 9 2.90 4.04 2.34
CA ALA A 9 1.58 4.46 2.85
C ALA A 9 0.61 3.32 2.51
N ARG A 10 0.41 2.47 3.53
CA ARG A 10 -0.24 1.13 3.42
C ARG A 10 -1.78 1.36 3.26
N ALA A 11 -2.48 1.70 4.37
CA ALA A 11 -3.78 2.44 4.45
C ALA A 11 -4.81 2.26 3.28
N TYR A 12 -5.23 0.98 3.10
CA TYR A 12 -5.49 0.26 1.81
C TYR A 12 -4.27 -0.74 1.64
N GLY A 13 -4.00 -1.86 2.35
CA GLY A 13 -4.72 -2.36 3.55
C GLY A 13 -3.94 -1.88 4.76
N PHE A 14 -3.28 -2.78 5.52
CA PHE A 14 -2.52 -2.38 6.77
C PHE A 14 -1.18 -3.18 6.93
N ARG A 15 -0.41 -3.26 5.82
CA ARG A 15 0.71 -4.26 5.64
C ARG A 15 1.76 -3.67 4.62
N GLY A 16 1.42 -3.45 3.32
CA GLY A 16 2.36 -2.97 2.29
C GLY A 16 3.13 -4.16 1.64
N PRO A 17 2.62 -5.13 0.80
CA PRO A 17 1.21 -5.28 0.33
C PRO A 17 0.25 -5.98 1.37
N GLY A 18 -1.07 -5.76 1.60
CA GLY A 18 -2.01 -4.93 0.81
C GLY A 18 -3.51 -5.03 1.31
N PRO A 19 -4.65 -4.87 0.54
CA PRO A 19 -4.71 -4.45 -0.89
C PRO A 19 -4.79 -2.88 -1.06
N GLN A 20 -4.03 -2.07 -1.86
CA GLN A 20 -2.91 -2.49 -2.75
C GLN A 20 -1.75 -1.53 -2.47
N LEU A 21 -0.83 -2.11 -1.67
CA LEU A 21 0.34 -1.44 -1.02
C LEU A 21 -0.18 -0.61 0.17
N SER A 1 -2.81 -3.97 -8.00
CA SER A 1 -1.46 -4.36 -7.57
C SER A 1 -0.46 -3.20 -7.78
N SER A 2 0.37 -2.93 -6.75
CA SER A 2 1.43 -1.85 -6.69
C SER A 2 0.93 -0.42 -7.05
N MET A 3 1.00 0.56 -6.11
CA MET A 3 0.59 1.97 -6.34
C MET A 3 1.77 2.93 -6.01
N LYS A 4 1.73 4.12 -6.66
CA LYS A 4 2.94 4.78 -7.20
C LYS A 4 3.15 6.14 -6.46
N LEU A 5 4.19 6.51 -5.66
CA LEU A 5 5.29 5.65 -5.11
C LEU A 5 5.42 5.94 -3.59
N SER A 6 5.90 4.90 -2.84
CA SER A 6 5.79 4.73 -1.36
C SER A 6 4.39 4.08 -1.10
N PHE A 7 4.12 2.75 -0.89
CA PHE A 7 5.05 1.63 -0.54
C PHE A 7 5.84 1.84 0.81
N ARG A 8 6.29 0.86 1.64
CA ARG A 8 6.20 -0.62 1.44
C ARG A 8 4.73 -1.18 1.31
N ALA A 9 3.65 -0.89 2.07
CA ALA A 9 3.59 -0.11 3.35
C ALA A 9 3.07 -0.87 4.61
N ARG A 10 3.01 -2.21 4.58
CA ARG A 10 1.69 -2.91 4.49
C ARG A 10 1.70 -4.23 5.30
N ALA A 11 0.51 -4.86 5.43
CA ALA A 11 0.23 -6.15 4.74
C ALA A 11 -1.25 -6.54 5.02
N TYR A 12 -2.29 -6.41 4.17
CA TYR A 12 -2.61 -5.25 3.28
C TYR A 12 -3.85 -4.49 3.87
N GLY A 13 -3.85 -3.14 3.76
CA GLY A 13 -5.10 -2.33 3.84
C GLY A 13 -4.98 -1.12 4.78
N PHE A 14 -5.15 -1.40 6.08
CA PHE A 14 -4.82 -0.52 7.26
C PHE A 14 -3.72 0.60 7.15
N ARG A 15 -2.61 0.32 6.44
CA ARG A 15 -1.35 1.14 6.49
C ARG A 15 -1.11 2.09 5.27
N GLY A 16 -1.39 1.68 3.99
CA GLY A 16 -0.88 2.36 2.78
C GLY A 16 -1.50 3.76 2.50
N PRO A 17 -2.83 4.03 2.19
CA PRO A 17 -3.98 3.07 2.26
C PRO A 17 -3.92 1.96 1.18
N GLY A 18 -4.36 0.74 1.55
CA GLY A 18 -4.33 -0.46 0.69
C GLY A 18 -5.73 -1.06 0.28
N PRO A 19 -5.90 -2.29 -0.35
CA PRO A 19 -4.84 -3.24 -0.76
C PRO A 19 -4.16 -2.79 -2.08
N GLN A 20 -2.87 -2.41 -1.96
CA GLN A 20 -2.00 -1.99 -3.10
C GLN A 20 -0.48 -2.24 -2.89
N LEU A 21 0.10 -2.23 -1.66
CA LEU A 21 1.57 -2.08 -1.37
C LEU A 21 1.83 -0.58 -1.19
#